data_7LXI
#
_entry.id   7LXI
#
_cell.length_a   103.220
_cell.length_b   103.220
_cell.length_c   49.150
_cell.angle_alpha   90.000
_cell.angle_beta   90.000
_cell.angle_gamma   120.000
#
_symmetry.space_group_name_H-M   'P 32 2 1'
#
loop_
_entity.id
_entity.type
_entity.pdbx_description
1 polymer 'S-adenosylmethionine-dependent methyltransferase UmaA'
2 non-polymer 'HEXAETHYLENE GLYCOL'
3 non-polymer 'NITRATE ION'
4 non-polymer 1,2-ETHANEDIOL
5 non-polymer 'PHOSPHATE ION'
6 non-polymer S-ADENOSYL-L-HOMOCYSTEINE
7 non-polymer 'CHLORIDE ION'
8 water water
#
_entity_poly.entity_id   1
_entity_poly.type   'polypeptide(L)'
_entity_poly.pdbx_seq_one_letter_code
;MAHHHHHHMTELRPFYEESQSIYDVSDEFFSLFLDPTMAYTCAYFEREDMTLEEAQNAKFDLALDKLHLEPGMTLLDIGC
GWGGGLQRAIENYDVNVIGITLSRNQFEYSKAKLAKIPTERSVQVRLQGWDEFTDKVDRIVSIGAFEAFKMERYAAFFER
SYDILPDDGRMLLHTILTYTQKQMHEMGVKVTMSDVRFMKFIGEEIFPGGQLPAQEDIFKFAQAADFSVEKVQLLQQHYA
RTLNIWAANLEANKDRAIALQSEEIYNKYMHYLTGCEHFFRKGISNVGQFTLTK
;
_entity_poly.pdbx_strand_id   A
#
# COMPACT_ATOMS: atom_id res chain seq x y z
N LEU A 12 6.47 29.53 4.19
CA LEU A 12 5.11 30.07 4.12
C LEU A 12 5.06 31.34 3.28
N ARG A 13 4.37 31.27 2.12
CA ARG A 13 4.23 32.43 1.26
C ARG A 13 3.10 33.33 1.76
N PRO A 14 3.31 34.66 1.78
CA PRO A 14 2.27 35.56 2.30
C PRO A 14 0.94 35.46 1.55
N PHE A 15 0.94 35.22 0.26
CA PHE A 15 -0.28 35.15 -0.53
C PHE A 15 -0.67 33.69 -0.75
N TYR A 16 -1.96 33.40 -0.55
CA TYR A 16 -2.45 32.05 -0.81
C TYR A 16 -2.42 31.77 -2.31
N GLU A 17 -1.94 30.58 -2.67
CA GLU A 17 -1.82 30.16 -4.06
C GLU A 17 -2.43 28.78 -4.21
N GLU A 18 -3.57 28.70 -4.91
CA GLU A 18 -4.14 27.42 -5.28
C GLU A 18 -3.24 26.73 -6.29
N SER A 19 -2.36 25.86 -5.82
CA SER A 19 -1.34 25.25 -6.67
C SER A 19 -1.83 23.91 -7.22
N GLN A 20 -1.06 23.37 -8.17
CA GLN A 20 -1.35 22.09 -8.81
C GLN A 20 -0.54 21.00 -8.10
N SER A 21 -1.24 20.09 -7.42
CA SER A 21 -0.61 19.06 -6.61
C SER A 21 -0.79 17.67 -7.22
N ILE A 22 0.20 16.80 -7.01
CA ILE A 22 0.08 15.42 -7.45
C ILE A 22 -1.11 14.73 -6.80
N TYR A 23 -1.58 15.25 -5.66
CA TYR A 23 -2.75 14.68 -5.01
C TYR A 23 -4.07 15.12 -5.66
N ASP A 24 -4.04 16.06 -6.60
CA ASP A 24 -5.27 16.57 -7.20
C ASP A 24 -5.69 15.83 -8.45
N VAL A 25 -4.99 14.75 -8.83
CA VAL A 25 -5.28 14.11 -10.11
C VAL A 25 -6.46 13.16 -9.94
N SER A 26 -7.12 12.88 -11.06
CA SER A 26 -8.34 12.09 -11.09
C SER A 26 -8.02 10.60 -11.15
N ASP A 27 -9.05 9.77 -10.96
CA ASP A 27 -8.91 8.33 -11.17
C ASP A 27 -8.43 8.06 -12.58
N GLU A 28 -8.92 8.87 -13.54
CA GLU A 28 -8.54 8.71 -14.94
C GLU A 28 -7.03 8.86 -15.14
N PHE A 29 -6.43 9.82 -14.44
CA PHE A 29 -4.97 9.96 -14.52
C PHE A 29 -4.28 8.70 -14.03
N PHE A 30 -4.71 8.15 -12.89
CA PHE A 30 -4.06 6.96 -12.38
C PHE A 30 -4.24 5.78 -13.33
N SER A 31 -5.36 5.72 -14.04
CA SER A 31 -5.59 4.62 -14.98
C SER A 31 -4.63 4.66 -16.15
N LEU A 32 -3.88 5.77 -16.30
CA LEU A 32 -2.87 5.87 -17.33
C LEU A 32 -1.66 5.00 -17.01
N PHE A 33 -1.46 4.61 -15.75
CA PHE A 33 -0.28 3.79 -15.47
C PHE A 33 -0.50 2.64 -14.51
N LEU A 34 -1.53 2.65 -13.67
CA LEU A 34 -1.83 1.48 -12.86
C LEU A 34 -2.46 0.38 -13.72
N ASP A 35 -2.42 -0.85 -13.21
CA ASP A 35 -3.04 -1.97 -13.89
C ASP A 35 -4.55 -1.87 -13.75
N PRO A 36 -5.32 -2.70 -14.46
CA PRO A 36 -6.79 -2.54 -14.40
C PRO A 36 -7.37 -2.62 -12.99
N THR A 37 -6.74 -3.36 -12.08
CA THR A 37 -7.27 -3.44 -10.71
C THR A 37 -6.99 -2.19 -9.90
N MET A 38 -6.17 -1.27 -10.42
CA MET A 38 -5.83 0.01 -9.79
C MET A 38 -5.12 -0.17 -8.46
N ALA A 39 -4.39 -1.27 -8.32
CA ALA A 39 -3.53 -1.44 -7.16
C ALA A 39 -2.41 -0.40 -7.21
N TYR A 40 -2.12 0.22 -6.06
CA TYR A 40 -1.13 1.28 -6.00
C TYR A 40 0.00 0.92 -5.04
N THR A 41 0.31 -0.38 -4.96
CA THR A 41 1.31 -0.90 -4.05
C THR A 41 2.15 -1.95 -4.78
N CYS A 42 3.22 -2.38 -4.11
CA CYS A 42 4.17 -3.33 -4.68
C CYS A 42 3.49 -4.58 -5.20
N ALA A 43 3.76 -4.95 -6.45
CA ALA A 43 3.21 -6.21 -6.96
C ALA A 43 4.11 -7.40 -6.56
N TYR A 44 3.65 -8.61 -6.87
CA TYR A 44 4.38 -9.82 -6.48
C TYR A 44 4.51 -10.69 -7.72
N PHE A 45 5.69 -10.66 -8.35
CA PHE A 45 5.90 -11.40 -9.59
C PHE A 45 6.23 -12.84 -9.22
N GLU A 46 5.17 -13.54 -8.76
CA GLU A 46 5.30 -14.92 -8.33
C GLU A 46 5.89 -15.79 -9.44
N ARG A 47 5.48 -15.55 -10.68
CA ARG A 47 6.18 -16.05 -11.86
CA ARG A 47 6.17 -16.04 -11.87
C ARG A 47 6.86 -14.87 -12.53
N GLU A 48 8.06 -15.12 -13.08
CA GLU A 48 8.82 -14.03 -13.69
C GLU A 48 8.10 -13.43 -14.89
N ASP A 49 7.31 -14.21 -15.63
CA ASP A 49 6.65 -13.70 -16.83
C ASP A 49 5.26 -13.12 -16.55
N MET A 50 4.90 -12.89 -15.30
CA MET A 50 3.59 -12.32 -15.01
C MET A 50 3.50 -10.90 -15.53
N THR A 51 2.31 -10.53 -15.99
CA THR A 51 2.02 -9.13 -16.27
C THR A 51 1.81 -8.37 -14.97
N LEU A 52 1.77 -7.05 -15.05
CA LEU A 52 1.53 -6.24 -13.86
C LEU A 52 0.23 -6.66 -13.18
N GLU A 53 -0.83 -6.84 -13.97
CA GLU A 53 -2.12 -7.21 -13.39
C GLU A 53 -2.03 -8.56 -12.68
N GLU A 54 -1.41 -9.55 -13.33
CA GLU A 54 -1.24 -10.85 -12.71
C GLU A 54 -0.42 -10.75 -11.42
N ALA A 55 0.61 -9.91 -11.40
CA ALA A 55 1.42 -9.79 -10.20
C ALA A 55 0.69 -9.03 -9.09
N GLN A 56 -0.17 -8.08 -9.45
CA GLN A 56 -0.95 -7.41 -8.42
C GLN A 56 -1.96 -8.36 -7.79
N ASN A 57 -2.68 -9.15 -8.62
CA ASN A 57 -3.54 -10.20 -8.08
C ASN A 57 -2.76 -11.17 -7.20
N ALA A 58 -1.56 -11.55 -7.63
CA ALA A 58 -0.75 -12.50 -6.86
C ALA A 58 -0.33 -11.89 -5.52
N LYS A 59 -0.08 -10.58 -5.48
CA LYS A 59 0.25 -9.90 -4.23
C LYS A 59 -0.94 -9.92 -3.27
N PHE A 60 -2.14 -9.61 -3.78
CA PHE A 60 -3.33 -9.67 -2.92
C PHE A 60 -3.56 -11.09 -2.43
N ASP A 61 -3.42 -12.08 -3.32
CA ASP A 61 -3.61 -13.48 -2.92
C ASP A 61 -2.59 -13.90 -1.87
N LEU A 62 -1.33 -13.46 -2.05
CA LEU A 62 -0.28 -13.76 -1.08
C LEU A 62 -0.66 -13.28 0.32
N ALA A 63 -1.11 -12.02 0.43
CA ALA A 63 -1.51 -11.47 1.73
C ALA A 63 -2.71 -12.23 2.31
N LEU A 64 -3.74 -12.43 1.49
CA LEU A 64 -4.98 -13.06 1.96
C LEU A 64 -4.75 -14.49 2.40
N ASP A 65 -3.89 -15.22 1.69
CA ASP A 65 -3.62 -16.61 2.03
CA ASP A 65 -3.61 -16.61 2.04
C ASP A 65 -3.00 -16.74 3.42
N LYS A 66 -2.22 -15.75 3.84
CA LYS A 66 -1.56 -15.77 5.14
C LYS A 66 -2.54 -15.56 6.29
N LEU A 67 -3.79 -15.18 6.00
CA LEU A 67 -4.75 -14.88 7.06
C LEU A 67 -5.56 -16.10 7.50
N HIS A 68 -5.47 -17.21 6.78
CA HIS A 68 -6.19 -18.44 7.14
C HIS A 68 -7.69 -18.16 7.26
N LEU A 69 -8.24 -17.51 6.23
CA LEU A 69 -9.66 -17.19 6.22
C LEU A 69 -10.50 -18.45 6.15
N GLU A 70 -11.58 -18.47 6.92
CA GLU A 70 -12.54 -19.56 6.84
C GLU A 70 -13.91 -19.01 6.46
N PRO A 71 -14.75 -19.81 5.81
CA PRO A 71 -16.09 -19.33 5.42
C PRO A 71 -16.84 -18.70 6.59
N GLY A 72 -17.43 -17.53 6.34
CA GLY A 72 -18.24 -16.85 7.32
C GLY A 72 -17.52 -15.79 8.13
N MET A 73 -16.19 -15.77 8.08
CA MET A 73 -15.45 -14.76 8.80
C MET A 73 -15.68 -13.38 8.18
N THR A 74 -15.25 -12.35 8.90
CA THR A 74 -15.26 -10.98 8.41
C THR A 74 -13.83 -10.49 8.28
N LEU A 75 -13.49 -10.02 7.10
CA LEU A 75 -12.18 -9.45 6.80
C LEU A 75 -12.28 -7.93 6.76
N LEU A 76 -11.35 -7.26 7.43
CA LEU A 76 -11.19 -5.80 7.33
C LEU A 76 -9.96 -5.47 6.50
N ASP A 77 -10.14 -4.60 5.50
CA ASP A 77 -9.03 -4.08 4.71
C ASP A 77 -8.83 -2.63 5.13
N ILE A 78 -7.76 -2.36 5.88
CA ILE A 78 -7.49 -1.01 6.35
C ILE A 78 -6.73 -0.28 5.26
N GLY A 79 -7.40 0.65 4.59
CA GLY A 79 -6.75 1.40 3.53
C GLY A 79 -7.00 0.74 2.19
N CYS A 80 -8.27 0.56 1.85
CA CYS A 80 -8.61 -0.36 0.76
C CYS A 80 -8.30 0.21 -0.63
N GLY A 81 -7.95 1.50 -0.74
CA GLY A 81 -7.63 2.07 -2.05
C GLY A 81 -8.79 1.90 -3.02
N TRP A 82 -8.45 1.52 -4.26
CA TRP A 82 -9.43 1.33 -5.33
C TRP A 82 -9.99 -0.10 -5.38
N GLY A 83 -9.90 -0.84 -4.27
CA GLY A 83 -10.74 -2.00 -4.02
C GLY A 83 -10.26 -3.33 -4.54
N GLY A 84 -9.08 -3.41 -5.17
CA GLY A 84 -8.65 -4.66 -5.77
C GLY A 84 -8.46 -5.77 -4.75
N GLY A 85 -8.02 -5.43 -3.54
CA GLY A 85 -7.84 -6.45 -2.52
C GLY A 85 -9.15 -7.06 -2.08
N LEU A 86 -10.17 -6.22 -1.86
CA LEU A 86 -11.48 -6.73 -1.47
C LEU A 86 -12.14 -7.54 -2.59
N GLN A 87 -11.88 -7.18 -3.85
CA GLN A 87 -12.44 -8.01 -4.93
C GLN A 87 -11.86 -9.42 -4.89
N ARG A 88 -10.54 -9.54 -4.73
CA ARG A 88 -9.93 -10.87 -4.63
C ARG A 88 -10.51 -11.63 -3.44
N ALA A 89 -10.68 -10.94 -2.31
CA ALA A 89 -11.23 -11.58 -1.11
C ALA A 89 -12.64 -12.08 -1.35
N ILE A 90 -13.50 -11.24 -1.95
CA ILE A 90 -14.87 -11.66 -2.23
C ILE A 90 -14.88 -12.83 -3.22
N GLU A 91 -14.07 -12.73 -4.27
CA GLU A 91 -14.09 -13.78 -5.30
C GLU A 91 -13.53 -15.10 -4.77
N ASN A 92 -12.47 -15.05 -3.96
CA ASN A 92 -11.75 -16.28 -3.65
C ASN A 92 -12.06 -16.88 -2.29
N TYR A 93 -12.73 -16.14 -1.42
CA TYR A 93 -13.09 -16.64 -0.10
C TYR A 93 -14.56 -16.38 0.14
N ASP A 94 -15.17 -17.25 0.95
CA ASP A 94 -16.58 -17.11 1.32
C ASP A 94 -16.66 -16.30 2.62
N VAL A 95 -16.28 -15.03 2.53
CA VAL A 95 -16.18 -14.17 3.71
C VAL A 95 -16.92 -12.86 3.49
N ASN A 96 -17.34 -12.27 4.61
CA ASN A 96 -17.80 -10.88 4.65
C ASN A 96 -16.58 -9.99 4.62
N VAL A 97 -16.72 -8.79 4.04
CA VAL A 97 -15.60 -7.86 3.99
C VAL A 97 -16.05 -6.46 4.40
N ILE A 98 -15.11 -5.73 4.97
CA ILE A 98 -15.22 -4.30 5.23
C ILE A 98 -13.95 -3.64 4.71
N GLY A 99 -14.11 -2.58 3.93
CA GLY A 99 -12.98 -1.79 3.47
C GLY A 99 -13.13 -0.35 3.93
N ILE A 100 -12.02 0.23 4.41
CA ILE A 100 -12.04 1.63 4.85
C ILE A 100 -10.90 2.38 4.17
N THR A 101 -11.15 3.67 3.91
CA THR A 101 -10.19 4.55 3.24
C THR A 101 -10.50 5.97 3.66
N LEU A 102 -9.48 6.84 3.58
CA LEU A 102 -9.69 8.26 3.83
C LEU A 102 -9.90 9.05 2.55
N SER A 103 -9.80 8.41 1.38
CA SER A 103 -9.95 9.07 0.09
C SER A 103 -11.38 8.94 -0.41
N ARG A 104 -12.03 10.07 -0.67
CA ARG A 104 -13.42 10.05 -1.14
C ARG A 104 -13.51 9.47 -2.54
N ASN A 105 -12.58 9.81 -3.43
CA ASN A 105 -12.53 9.18 -4.76
C ASN A 105 -12.42 7.66 -4.64
N GLN A 106 -11.51 7.18 -3.80
CA GLN A 106 -11.30 5.74 -3.68
C GLN A 106 -12.49 5.07 -3.00
N PHE A 107 -13.10 5.75 -2.03
CA PHE A 107 -14.32 5.28 -1.40
C PHE A 107 -15.42 5.05 -2.45
N GLU A 108 -15.73 6.08 -3.25
CA GLU A 108 -16.80 5.93 -4.25
C GLU A 108 -16.45 4.86 -5.27
N TYR A 109 -15.18 4.82 -5.70
CA TYR A 109 -14.74 3.85 -6.71
C TYR A 109 -14.84 2.43 -6.18
N SER A 110 -14.36 2.19 -4.95
CA SER A 110 -14.44 0.84 -4.38
C SER A 110 -15.90 0.43 -4.16
N LYS A 111 -16.74 1.34 -3.68
CA LYS A 111 -18.15 1.01 -3.47
C LYS A 111 -18.80 0.59 -4.78
N ALA A 112 -18.55 1.34 -5.87
CA ALA A 112 -19.20 1.03 -7.16
C ALA A 112 -18.64 -0.27 -7.76
N LYS A 113 -17.34 -0.49 -7.60
CA LYS A 113 -16.69 -1.70 -8.10
C LYS A 113 -17.24 -2.96 -7.42
N LEU A 114 -17.29 -2.95 -6.09
CA LEU A 114 -17.72 -4.14 -5.37
C LEU A 114 -19.22 -4.36 -5.44
N ALA A 115 -20.00 -3.30 -5.68
CA ALA A 115 -21.44 -3.48 -5.85
C ALA A 115 -21.77 -4.36 -7.04
N LYS A 116 -20.85 -4.50 -8.00
CA LYS A 116 -21.10 -5.29 -9.20
C LYS A 116 -20.68 -6.75 -9.06
N ILE A 117 -20.18 -7.16 -7.91
CA ILE A 117 -19.61 -8.49 -7.73
C ILE A 117 -20.64 -9.36 -7.01
N PRO A 118 -21.08 -10.47 -7.59
CA PRO A 118 -22.04 -11.33 -6.89
C PRO A 118 -21.45 -11.89 -5.61
N THR A 119 -22.30 -12.00 -4.58
CA THR A 119 -21.78 -12.41 -3.29
C THR A 119 -22.93 -12.90 -2.43
N GLU A 120 -22.62 -13.83 -1.53
CA GLU A 120 -23.58 -14.34 -0.57
C GLU A 120 -23.26 -13.87 0.84
N ARG A 121 -22.40 -12.84 0.95
CA ARG A 121 -21.93 -12.33 2.21
C ARG A 121 -22.15 -10.82 2.26
N SER A 122 -21.82 -10.22 3.40
CA SER A 122 -21.92 -8.77 3.55
C SER A 122 -20.68 -8.07 2.97
N VAL A 123 -20.91 -6.91 2.35
CA VAL A 123 -19.84 -6.06 1.80
C VAL A 123 -20.08 -4.63 2.26
N GLN A 124 -19.06 -4.02 2.89
CA GLN A 124 -19.16 -2.63 3.32
C GLN A 124 -17.90 -1.88 2.93
N VAL A 125 -18.08 -0.68 2.38
CA VAL A 125 -16.99 0.24 2.07
C VAL A 125 -17.30 1.54 2.78
N ARG A 126 -16.32 2.08 3.50
CA ARG A 126 -16.55 3.25 4.32
C ARG A 126 -15.46 4.29 4.11
N LEU A 127 -15.85 5.55 4.11
CA LEU A 127 -14.91 6.67 4.25
C LEU A 127 -14.66 6.84 5.74
N GLN A 128 -13.58 6.25 6.25
CA GLN A 128 -13.38 6.15 7.69
C GLN A 128 -11.92 5.83 7.96
N GLY A 129 -11.35 6.47 9.01
CA GLY A 129 -10.01 6.12 9.44
C GLY A 129 -10.00 4.98 10.46
N TRP A 130 -8.86 4.27 10.55
CA TRP A 130 -8.77 3.19 11.52
C TRP A 130 -8.99 3.69 12.95
N ASP A 131 -8.67 4.95 13.23
CA ASP A 131 -8.82 5.44 14.60
C ASP A 131 -10.28 5.52 15.02
N GLU A 132 -11.22 5.53 14.07
CA GLU A 132 -12.65 5.57 14.38
C GLU A 132 -13.31 4.21 14.27
N PHE A 133 -12.57 3.17 13.87
CA PHE A 133 -13.14 1.86 13.57
C PHE A 133 -13.14 1.00 14.82
N THR A 134 -14.33 0.51 15.21
CA THR A 134 -14.45 -0.35 16.38
C THR A 134 -15.15 -1.68 16.15
N ASP A 135 -15.55 -2.00 14.93
CA ASP A 135 -16.24 -3.27 14.68
C ASP A 135 -15.32 -4.45 15.00
N LYS A 136 -15.91 -5.49 15.57
CA LYS A 136 -15.18 -6.75 15.71
C LYS A 136 -15.03 -7.40 14.34
N VAL A 137 -13.81 -7.84 14.02
CA VAL A 137 -13.53 -8.51 12.76
C VAL A 137 -12.64 -9.71 13.07
N ASP A 138 -12.62 -10.67 12.15
CA ASP A 138 -11.82 -11.88 12.40
C ASP A 138 -10.38 -11.76 11.93
N ARG A 139 -10.13 -11.01 10.87
CA ARG A 139 -8.82 -10.91 10.24
C ARG A 139 -8.67 -9.51 9.66
N ILE A 140 -7.43 -9.02 9.59
CA ILE A 140 -7.16 -7.69 9.04
C ILE A 140 -6.07 -7.83 7.98
N VAL A 141 -6.27 -7.15 6.84
CA VAL A 141 -5.22 -6.94 5.86
C VAL A 141 -5.05 -5.44 5.69
N SER A 142 -3.80 -5.00 5.57
CA SER A 142 -3.50 -3.58 5.36
C SER A 142 -2.26 -3.48 4.48
N ILE A 143 -2.45 -3.02 3.26
CA ILE A 143 -1.41 -3.00 2.24
C ILE A 143 -1.16 -1.55 1.84
N GLY A 144 -0.02 -1.00 2.24
CA GLY A 144 0.37 0.33 1.81
C GLY A 144 -0.27 1.47 2.56
N ALA A 145 -0.99 1.20 3.64
CA ALA A 145 -1.61 2.26 4.43
C ALA A 145 -0.67 2.77 5.52
N PHE A 146 0.14 1.88 6.08
CA PHE A 146 0.96 2.23 7.24
C PHE A 146 1.91 3.38 6.95
N GLU A 147 2.41 3.49 5.71
CA GLU A 147 3.34 4.56 5.37
C GLU A 147 2.68 5.94 5.32
N ALA A 148 1.36 6.02 5.44
CA ALA A 148 0.68 7.30 5.59
C ALA A 148 0.43 7.67 7.05
N PHE A 149 0.75 6.78 8.00
CA PHE A 149 0.54 7.06 9.41
C PHE A 149 1.73 7.80 10.00
N LYS A 150 1.46 8.69 10.96
CA LYS A 150 2.53 9.33 11.72
C LYS A 150 3.00 8.40 12.84
N MET A 151 4.30 8.45 13.13
CA MET A 151 4.88 7.50 14.08
C MET A 151 4.29 7.67 15.48
N GLU A 152 3.82 8.87 15.81
CA GLU A 152 3.18 9.09 17.11
C GLU A 152 1.93 8.25 17.28
N ARG A 153 1.34 7.76 16.18
CA ARG A 153 0.13 6.97 16.21
C ARG A 153 0.37 5.48 16.01
N TYR A 154 1.63 5.05 15.82
CA TYR A 154 1.91 3.64 15.60
C TYR A 154 1.34 2.76 16.72
N ALA A 155 1.58 3.15 17.98
CA ALA A 155 1.16 2.30 19.09
C ALA A 155 -0.35 2.17 19.13
N ALA A 156 -1.06 3.27 18.93
CA ALA A 156 -2.52 3.23 18.92
C ALA A 156 -3.03 2.35 17.77
N PHE A 157 -2.34 2.38 16.62
CA PHE A 157 -2.75 1.56 15.49
C PHE A 157 -2.67 0.08 15.83
N PHE A 158 -1.53 -0.37 16.34
CA PHE A 158 -1.41 -1.78 16.69
C PHE A 158 -2.32 -2.15 17.85
N GLU A 159 -2.53 -1.24 18.79
CA GLU A 159 -3.44 -1.52 19.91
C GLU A 159 -4.88 -1.64 19.43
N ARG A 160 -5.32 -0.74 18.55
CA ARG A 160 -6.66 -0.85 17.99
C ARG A 160 -6.81 -2.10 17.13
N SER A 161 -5.76 -2.44 16.38
CA SER A 161 -5.82 -3.67 15.57
C SER A 161 -5.94 -4.90 16.45
N TYR A 162 -5.12 -4.97 17.51
CA TYR A 162 -5.22 -6.07 18.46
C TYR A 162 -6.61 -6.16 19.08
N ASP A 163 -7.18 -5.01 19.46
CA ASP A 163 -8.41 -5.01 20.24
C ASP A 163 -9.60 -5.50 19.45
N ILE A 164 -9.67 -5.19 18.15
CA ILE A 164 -10.83 -5.58 17.34
C ILE A 164 -10.72 -7.01 16.79
N LEU A 165 -9.62 -7.70 17.05
CA LEU A 165 -9.42 -9.08 16.63
C LEU A 165 -9.81 -10.06 17.73
N PRO A 166 -10.15 -11.30 17.37
CA PRO A 166 -10.46 -12.34 18.36
C PRO A 166 -9.18 -13.00 18.84
N ASP A 167 -9.35 -13.98 19.73
CA ASP A 167 -8.19 -14.67 20.30
C ASP A 167 -7.32 -15.32 19.23
N ASP A 168 -7.94 -15.92 18.21
CA ASP A 168 -7.20 -16.57 17.14
C ASP A 168 -6.85 -15.60 16.00
N GLY A 169 -6.92 -14.29 16.26
CA GLY A 169 -6.84 -13.33 15.17
C GLY A 169 -5.49 -13.27 14.51
N ARG A 170 -5.50 -12.85 13.24
CA ARG A 170 -4.29 -12.68 12.45
C ARG A 170 -4.40 -11.39 11.66
N MET A 171 -3.27 -10.72 11.47
CA MET A 171 -3.21 -9.50 10.69
C MET A 171 -2.04 -9.57 9.71
N LEU A 172 -2.27 -9.14 8.48
CA LEU A 172 -1.21 -9.04 7.49
C LEU A 172 -0.94 -7.55 7.27
N LEU A 173 0.22 -7.12 7.69
CA LEU A 173 0.64 -5.73 7.53
C LEU A 173 1.73 -5.66 6.48
N HIS A 174 1.44 -4.95 5.39
CA HIS A 174 2.34 -4.78 4.26
C HIS A 174 2.69 -3.30 4.17
N THR A 175 3.99 -2.98 4.24
CA THR A 175 4.40 -1.57 4.24
C THR A 175 5.85 -1.46 3.79
N ILE A 176 6.23 -0.25 3.37
CA ILE A 176 7.59 0.04 2.93
C ILE A 176 8.50 0.25 4.14
N LEU A 177 9.80 0.05 3.92
CA LEU A 177 10.78 0.06 4.99
C LEU A 177 12.06 0.71 4.52
N THR A 178 12.78 1.28 5.48
CA THR A 178 14.13 1.77 5.26
C THR A 178 15.09 1.06 6.20
N TYR A 179 16.37 1.32 6.00
CA TYR A 179 17.46 0.75 6.76
C TYR A 179 18.16 1.85 7.56
N THR A 180 18.88 1.45 8.60
CA THR A 180 19.74 2.38 9.30
C THR A 180 21.01 2.63 8.50
N GLN A 181 21.71 3.71 8.86
CA GLN A 181 22.99 3.99 8.21
C GLN A 181 23.97 2.83 8.41
N LYS A 182 24.02 2.29 9.62
CA LYS A 182 24.93 1.18 9.90
C LYS A 182 24.63 -0.01 8.99
N GLN A 183 23.35 -0.36 8.86
CA GLN A 183 22.97 -1.45 7.95
C GLN A 183 23.34 -1.12 6.51
N MET A 184 23.15 0.13 6.08
CA MET A 184 23.55 0.50 4.74
C MET A 184 25.05 0.37 4.55
N HIS A 185 25.84 0.91 5.49
CA HIS A 185 27.29 0.77 5.42
C HIS A 185 27.69 -0.70 5.42
N GLU A 186 27.03 -1.52 6.25
CA GLU A 186 27.24 -2.96 6.24
C GLU A 186 26.98 -3.54 4.85
N MET A 187 25.76 -3.33 4.33
CA MET A 187 25.34 -3.87 3.04
C MET A 187 26.07 -3.24 1.86
N GLY A 188 26.86 -2.20 2.07
CA GLY A 188 27.56 -1.54 0.98
C GLY A 188 26.74 -0.56 0.17
N VAL A 189 25.56 -0.18 0.65
CA VAL A 189 24.74 0.81 -0.04
C VAL A 189 25.28 2.20 0.27
N LYS A 190 25.74 2.92 -0.76
CA LYS A 190 26.23 4.27 -0.61
C LYS A 190 25.13 5.25 -1.02
N VAL A 191 24.70 6.08 -0.09
CA VAL A 191 23.72 7.12 -0.39
C VAL A 191 24.44 8.34 -0.96
N THR A 192 24.00 8.80 -2.12
CA THR A 192 24.63 9.92 -2.81
C THR A 192 23.84 11.20 -2.57
N MET A 193 24.40 12.32 -3.06
CA MET A 193 23.70 13.59 -2.95
C MET A 193 22.37 13.57 -3.69
N SER A 194 22.34 12.98 -4.89
CA SER A 194 21.09 12.95 -5.65
C SER A 194 20.04 12.10 -4.93
N ASP A 195 20.46 11.04 -4.23
CA ASP A 195 19.52 10.34 -3.35
C ASP A 195 19.00 11.26 -2.27
N VAL A 196 19.89 12.04 -1.64
CA VAL A 196 19.49 12.96 -0.59
C VAL A 196 18.49 13.98 -1.13
N ARG A 197 18.78 14.55 -2.29
CA ARG A 197 17.88 15.52 -2.89
C ARG A 197 16.53 14.90 -3.21
N PHE A 198 16.50 13.61 -3.53
CA PHE A 198 15.22 12.95 -3.79
C PHE A 198 14.42 12.76 -2.51
N MET A 199 15.10 12.43 -1.40
CA MET A 199 14.43 12.33 -0.12
C MET A 199 13.84 13.67 0.30
N LYS A 200 14.51 14.78 -0.06
CA LYS A 200 13.94 16.09 0.20
C LYS A 200 12.74 16.35 -0.69
N PHE A 201 12.84 15.96 -1.97
CA PHE A 201 11.68 16.06 -2.85
C PHE A 201 10.48 15.30 -2.28
N ILE A 202 10.72 14.14 -1.67
CA ILE A 202 9.64 13.35 -1.08
C ILE A 202 9.03 14.11 0.11
N GLY A 203 9.88 14.61 1.00
CA GLY A 203 9.38 15.30 2.19
C GLY A 203 8.54 16.52 1.87
N GLU A 204 8.80 17.16 0.72
CA GLU A 204 8.02 18.33 0.32
C GLU A 204 6.72 17.92 -0.37
N GLU A 205 6.83 17.09 -1.42
CA GLU A 205 5.67 16.79 -2.25
C GLU A 205 4.76 15.75 -1.60
N ILE A 206 5.32 14.71 -0.99
CA ILE A 206 4.49 13.65 -0.41
C ILE A 206 4.17 13.93 1.06
N GLN A 211 9.72 10.07 8.22
CA GLN A 211 10.72 9.01 8.02
C GLN A 211 10.07 7.63 8.02
N LEU A 212 10.70 6.68 7.32
CA LEU A 212 10.09 5.36 7.21
C LEU A 212 10.59 4.45 8.32
N PRO A 213 9.77 3.49 8.75
CA PRO A 213 10.22 2.53 9.76
C PRO A 213 11.23 1.56 9.18
N ALA A 214 12.11 1.07 10.05
CA ALA A 214 12.91 -0.10 9.73
C ALA A 214 12.12 -1.36 10.10
N GLN A 215 12.55 -2.49 9.53
CA GLN A 215 11.93 -3.78 9.88
C GLN A 215 11.89 -3.98 11.40
N GLU A 216 12.99 -3.63 12.07
CA GLU A 216 13.07 -3.75 13.53
C GLU A 216 11.98 -2.94 14.22
N ASP A 217 11.64 -1.75 13.68
CA ASP A 217 10.62 -0.93 14.31
C ASP A 217 9.25 -1.63 14.28
N ILE A 218 8.93 -2.29 13.16
CA ILE A 218 7.65 -3.00 13.07
C ILE A 218 7.57 -4.10 14.11
N PHE A 219 8.64 -4.92 14.22
CA PHE A 219 8.71 -5.92 15.28
C PHE A 219 8.45 -5.29 16.64
N LYS A 220 9.18 -4.20 16.94
CA LYS A 220 9.06 -3.56 18.25
C LYS A 220 7.63 -3.11 18.52
N PHE A 221 7.01 -2.44 17.56
CA PHE A 221 5.67 -1.90 17.84
C PHE A 221 4.62 -2.99 17.90
N ALA A 222 4.71 -3.99 17.01
CA ALA A 222 3.77 -5.09 17.05
C ALA A 222 3.86 -5.85 18.38
N GLN A 223 5.09 -6.13 18.83
CA GLN A 223 5.27 -6.88 20.07
C GLN A 223 4.81 -6.09 21.29
N ALA A 224 4.96 -4.76 21.26
CA ALA A 224 4.49 -3.94 22.37
C ALA A 224 2.98 -4.01 22.52
N ALA A 225 2.25 -4.24 21.42
CA ALA A 225 0.80 -4.40 21.44
C ALA A 225 0.37 -5.86 21.69
N ASP A 226 1.33 -6.75 21.97
CA ASP A 226 1.14 -8.18 22.30
C ASP A 226 0.91 -9.07 21.08
N PHE A 227 1.13 -8.56 19.87
CA PHE A 227 1.23 -9.43 18.70
C PHE A 227 2.54 -10.22 18.73
N SER A 228 2.54 -11.36 18.05
CA SER A 228 3.78 -12.04 17.66
C SER A 228 3.97 -11.88 16.16
N VAL A 229 5.22 -11.71 15.75
CA VAL A 229 5.55 -11.66 14.34
C VAL A 229 5.89 -13.08 13.91
N GLU A 230 4.97 -13.72 13.21
CA GLU A 230 5.19 -15.07 12.73
C GLU A 230 6.08 -15.10 11.48
N LYS A 231 6.03 -14.04 10.67
CA LYS A 231 6.72 -14.08 9.38
C LYS A 231 6.92 -12.66 8.88
N VAL A 232 8.06 -12.40 8.25
CA VAL A 232 8.19 -11.23 7.40
C VAL A 232 8.72 -11.68 6.05
N GLN A 233 8.13 -11.18 4.99
CA GLN A 233 8.54 -11.49 3.63
C GLN A 233 8.88 -10.19 2.93
N LEU A 234 10.06 -10.13 2.31
CA LEU A 234 10.55 -8.90 1.72
C LEU A 234 10.46 -8.97 0.21
N LEU A 235 9.99 -7.88 -0.39
CA LEU A 235 9.70 -7.89 -1.82
C LEU A 235 10.49 -6.81 -2.57
N GLN A 236 11.65 -6.39 -2.03
CA GLN A 236 12.44 -5.29 -2.58
C GLN A 236 12.47 -5.21 -4.10
N GLN A 237 12.94 -6.26 -4.77
CA GLN A 237 13.10 -6.16 -6.21
C GLN A 237 11.76 -6.26 -6.95
N HIS A 238 10.75 -6.84 -6.33
CA HIS A 238 9.41 -6.76 -6.90
C HIS A 238 8.92 -5.32 -6.97
N TYR A 239 9.31 -4.47 -6.01
CA TYR A 239 8.87 -3.08 -6.08
C TYR A 239 9.61 -2.33 -7.17
N ALA A 240 10.91 -2.59 -7.31
CA ALA A 240 11.67 -1.97 -8.40
C ALA A 240 11.00 -2.27 -9.75
N ARG A 241 10.56 -3.52 -9.94
CA ARG A 241 9.90 -3.88 -11.20
C ARG A 241 8.52 -3.24 -11.31
N THR A 242 7.76 -3.21 -10.22
CA THR A 242 6.44 -2.56 -10.21
C THR A 242 6.56 -1.09 -10.60
N LEU A 243 7.49 -0.37 -9.99
CA LEU A 243 7.69 1.04 -10.30
C LEU A 243 8.20 1.23 -11.75
N ASN A 244 9.06 0.33 -12.22
CA ASN A 244 9.51 0.38 -13.61
C ASN A 244 8.33 0.34 -14.59
N ILE A 245 7.40 -0.59 -14.37
CA ILE A 245 6.26 -0.74 -15.28
C ILE A 245 5.34 0.47 -15.19
N TRP A 246 5.01 0.91 -13.98
CA TRP A 246 4.23 2.14 -13.82
C TRP A 246 4.85 3.29 -14.61
N ALA A 247 6.16 3.47 -14.48
CA ALA A 247 6.84 4.57 -15.17
C ALA A 247 6.75 4.41 -16.68
N ALA A 248 6.94 3.18 -17.18
CA ALA A 248 6.83 2.93 -18.61
C ALA A 248 5.42 3.21 -19.12
N ASN A 249 4.40 2.79 -18.35
CA ASN A 249 3.01 3.05 -18.75
C ASN A 249 2.72 4.55 -18.78
N LEU A 250 3.12 5.27 -17.72
CA LEU A 250 2.86 6.71 -17.71
C LEU A 250 3.57 7.41 -18.85
N GLU A 251 4.83 7.03 -19.12
CA GLU A 251 5.55 7.61 -20.25
C GLU A 251 4.87 7.28 -21.58
N ALA A 252 4.38 6.05 -21.73
CA ALA A 252 3.64 5.70 -22.94
C ALA A 252 2.40 6.57 -23.09
N ASN A 253 1.76 6.94 -21.98
CA ASN A 253 0.56 7.77 -21.99
C ASN A 253 0.87 9.22 -21.63
N LYS A 254 2.07 9.70 -21.98
CA LYS A 254 2.50 11.03 -21.57
C LYS A 254 1.60 12.13 -22.13
N ASP A 255 1.26 12.05 -23.42
CA ASP A 255 0.47 13.11 -24.03
C ASP A 255 -0.88 13.26 -23.34
N ARG A 256 -1.52 12.12 -23.02
CA ARG A 256 -2.81 12.17 -22.33
C ARG A 256 -2.64 12.66 -20.90
N ALA A 257 -1.56 12.26 -20.23
CA ALA A 257 -1.31 12.74 -18.89
C ALA A 257 -1.16 14.27 -18.86
N ILE A 258 -0.49 14.82 -19.88
CA ILE A 258 -0.28 16.27 -19.95
C ILE A 258 -1.58 16.98 -20.31
N ALA A 259 -2.42 16.36 -21.15
CA ALA A 259 -3.69 17.01 -21.49
C ALA A 259 -4.64 17.01 -20.29
N LEU A 260 -4.68 15.90 -19.54
CA LEU A 260 -5.51 15.85 -18.34
C LEU A 260 -4.98 16.78 -17.25
N GLN A 261 -3.66 16.92 -17.17
CA GLN A 261 -3.04 17.67 -16.09
C GLN A 261 -2.13 18.75 -16.65
N SER A 262 -0.83 18.47 -16.67
CA SER A 262 0.18 19.42 -17.13
C SER A 262 1.52 18.70 -17.19
N GLU A 263 2.45 19.31 -17.93
CA GLU A 263 3.79 18.75 -17.99
C GLU A 263 4.46 18.75 -16.62
N GLU A 264 4.15 19.75 -15.77
CA GLU A 264 4.73 19.78 -14.43
C GLU A 264 4.24 18.61 -13.59
N ILE A 265 2.94 18.31 -13.66
CA ILE A 265 2.40 17.17 -12.92
C ILE A 265 2.92 15.87 -13.50
N TYR A 266 2.95 15.74 -14.83
CA TYR A 266 3.54 14.57 -15.45
C TYR A 266 4.98 14.35 -14.97
N ASN A 267 5.78 15.42 -14.97
CA ASN A 267 7.18 15.30 -14.57
C ASN A 267 7.32 14.90 -13.10
N LYS A 268 6.46 15.46 -12.24
CA LYS A 268 6.55 15.13 -10.82
C LYS A 268 6.27 13.66 -10.57
N TYR A 269 5.26 13.11 -11.24
CA TYR A 269 4.97 11.68 -11.10
C TYR A 269 6.12 10.85 -11.66
N MET A 270 6.62 11.23 -12.83
CA MET A 270 7.71 10.46 -13.43
C MET A 270 8.94 10.49 -12.53
N HIS A 271 9.23 11.64 -11.93
CA HIS A 271 10.36 11.74 -11.01
C HIS A 271 10.14 10.87 -9.77
N TYR A 272 8.93 10.93 -9.20
CA TYR A 272 8.61 10.10 -8.04
C TYR A 272 8.74 8.61 -8.35
N LEU A 273 8.15 8.16 -9.46
CA LEU A 273 8.14 6.73 -9.78
C LEU A 273 9.56 6.22 -10.02
N THR A 274 10.33 6.92 -10.86
CA THR A 274 11.67 6.44 -11.22
C THR A 274 12.67 6.64 -10.08
N GLY A 275 12.51 7.69 -9.29
CA GLY A 275 13.34 7.85 -8.10
C GLY A 275 13.12 6.72 -7.11
N CYS A 276 11.86 6.40 -6.81
CA CYS A 276 11.57 5.29 -5.91
C CYS A 276 12.07 3.96 -6.47
N GLU A 277 11.86 3.73 -7.78
CA GLU A 277 12.43 2.54 -8.42
C GLU A 277 13.92 2.42 -8.12
N HIS A 278 14.66 3.53 -8.29
CA HIS A 278 16.08 3.51 -8.02
C HIS A 278 16.39 3.12 -6.57
N PHE A 279 15.59 3.61 -5.62
CA PHE A 279 15.87 3.33 -4.21
C PHE A 279 15.73 1.85 -3.88
N PHE A 280 14.74 1.17 -4.48
CA PHE A 280 14.62 -0.27 -4.27
C PHE A 280 15.71 -1.03 -5.01
N ARG A 281 15.98 -0.65 -6.26
CA ARG A 281 17.02 -1.35 -7.03
C ARG A 281 18.37 -1.22 -6.35
N LYS A 282 18.73 -0.01 -5.93
CA LYS A 282 20.01 0.24 -5.27
C LYS A 282 20.10 -0.41 -3.88
N GLY A 283 18.97 -0.69 -3.24
CA GLY A 283 18.97 -1.27 -1.91
C GLY A 283 18.79 -0.29 -0.76
N ILE A 284 18.38 0.96 -1.04
CA ILE A 284 18.14 1.90 0.04
C ILE A 284 16.85 1.55 0.76
N SER A 285 15.85 1.05 0.04
CA SER A 285 14.52 0.82 0.57
C SER A 285 14.12 -0.63 0.39
N ASN A 286 13.08 -1.03 1.12
CA ASN A 286 12.53 -2.36 1.00
C ASN A 286 11.04 -2.29 1.31
N VAL A 287 10.37 -3.42 1.20
CA VAL A 287 8.93 -3.49 1.42
C VAL A 287 8.65 -4.88 1.99
N GLY A 288 7.91 -4.93 3.09
CA GLY A 288 7.71 -6.17 3.81
C GLY A 288 6.26 -6.46 4.12
N GLN A 289 5.91 -7.74 4.06
CA GLN A 289 4.65 -8.24 4.56
C GLN A 289 4.89 -8.92 5.90
N PHE A 290 4.24 -8.42 6.94
CA PHE A 290 4.37 -8.92 8.30
C PHE A 290 3.12 -9.68 8.68
N THR A 291 3.27 -10.98 8.98
CA THR A 291 2.17 -11.78 9.52
C THR A 291 2.19 -11.65 11.04
N LEU A 292 1.15 -11.05 11.59
CA LEU A 292 1.04 -10.83 13.04
C LEU A 292 -0.03 -11.75 13.60
N THR A 293 0.27 -12.39 14.71
CA THR A 293 -0.69 -13.28 15.33
C THR A 293 -0.94 -12.85 16.77
N LYS A 294 -2.01 -13.39 17.31
CA LYS A 294 -2.49 -13.02 18.62
C LYS A 294 -2.56 -14.29 19.44
#